data_5CNL
#
_entry.id   5CNL
#
_cell.length_a   83.381
_cell.length_b   83.381
_cell.length_c   221.829
_cell.angle_alpha   90.000
_cell.angle_beta   90.000
_cell.angle_gamma   120.000
#
_symmetry.space_group_name_H-M   'P 65 2 2'
#
loop_
_entity.id
_entity.type
_entity.pdbx_description
1 polymer IcmL-like
2 non-polymer 'TRIETHYLENE GLYCOL'
3 non-polymer DI(HYDROXYETHYL)ETHER
4 non-polymer 'SULFATE ION'
5 water water
#
_entity_poly.entity_id   1
_entity_poly.type   'polypeptide(L)'
_entity_poly.pdbx_seq_one_letter_code
;GGPDRAQLAVWANEAIIATYTFDYKNY(MSE)QQQKEIAKYFSADGWIAYSKALNQSKLPEVVQKNAYFVNAVATEPPKL
ITLDPTHWQAI(MSE)PILVVYKNPQYEQKQNLKVVLGFTVASPGQGVRGFSVTSLQSTPISPPCQCKIEETPGNTKQGD
AKQ
;
_entity_poly.pdbx_strand_id   A,B
#
# COMPACT_ATOMS: atom_id res chain seq x y z
N GLY A 1 -1.18 7.89 -19.70
CA GLY A 1 -1.91 6.83 -20.40
C GLY A 1 -1.90 5.51 -19.65
N GLY A 2 -3.08 4.87 -19.53
CA GLY A 2 -3.26 3.60 -18.83
C GLY A 2 -3.55 3.76 -17.35
N PRO A 3 -3.70 2.65 -16.59
CA PRO A 3 -4.00 2.76 -15.15
C PRO A 3 -2.96 3.52 -14.34
N ASP A 4 -3.27 3.89 -13.08
CA ASP A 4 -2.27 4.57 -12.26
C ASP A 4 -1.48 3.50 -11.49
N ARG A 5 -0.11 3.49 -11.57
CA ARG A 5 0.71 2.51 -10.81
C ARG A 5 0.39 2.61 -9.30
N ALA A 6 0.22 3.84 -8.79
CA ALA A 6 -0.08 4.07 -7.37
C ALA A 6 -1.44 3.49 -7.02
N GLN A 7 -2.42 3.63 -7.92
CA GLN A 7 -3.75 3.11 -7.69
C GLN A 7 -3.68 1.56 -7.60
N LEU A 8 -3.01 0.91 -8.59
CA LEU A 8 -2.87 -0.54 -8.58
C LEU A 8 -2.08 -1.03 -7.34
N ALA A 9 -0.93 -0.39 -7.00
CA ALA A 9 -0.07 -0.81 -5.88
C ALA A 9 -0.78 -0.67 -4.53
N VAL A 10 -1.57 0.39 -4.36
CA VAL A 10 -2.31 0.68 -3.11
C VAL A 10 -3.40 -0.37 -2.95
N TRP A 11 -4.15 -0.65 -4.02
CA TRP A 11 -5.22 -1.62 -3.98
C TRP A 11 -4.67 -3.03 -3.68
N ALA A 12 -3.60 -3.45 -4.36
CA ALA A 12 -3.02 -4.78 -4.17
C ALA A 12 -2.60 -4.96 -2.69
N ASN A 13 -1.96 -3.93 -2.08
CA ASN A 13 -1.58 -3.96 -0.68
C ASN A 13 -2.82 -4.09 0.22
N GLU A 14 -3.85 -3.25 -0.03
CA GLU A 14 -5.09 -3.27 0.71
C GLU A 14 -5.78 -4.63 0.64
N ALA A 15 -5.88 -5.20 -0.57
CA ALA A 15 -6.47 -6.51 -0.79
C ALA A 15 -5.71 -7.62 0.01
N ILE A 16 -4.36 -7.66 -0.10
CA ILE A 16 -3.55 -8.65 0.60
C ILE A 16 -3.72 -8.50 2.12
N ILE A 17 -3.58 -7.27 2.63
CA ILE A 17 -3.67 -7.01 4.07
C ILE A 17 -5.09 -7.32 4.57
N ALA A 18 -6.17 -6.92 3.84
CA ALA A 18 -7.57 -7.19 4.24
C ALA A 18 -7.78 -8.67 4.47
N THR A 19 -7.21 -9.50 3.56
CA THR A 19 -7.31 -10.97 3.56
C THR A 19 -6.72 -11.57 4.83
N TYR A 20 -5.63 -10.98 5.34
CA TYR A 20 -4.96 -11.47 6.54
C TYR A 20 -5.31 -10.61 7.79
N THR A 21 -6.51 -10.01 7.78
CA THR A 21 -6.99 -9.22 8.91
C THR A 21 -8.34 -9.75 9.31
N PHE A 22 -8.35 -10.56 10.37
CA PHE A 22 -9.54 -11.19 10.94
C PHE A 22 -9.23 -11.72 12.34
N ASP A 23 -10.25 -12.15 13.09
CA ASP A 23 -10.08 -12.71 14.42
C ASP A 23 -11.09 -13.85 14.66
N TYR A 24 -10.87 -14.63 15.72
CA TYR A 24 -11.71 -15.77 16.06
C TYR A 24 -13.17 -15.41 16.33
N LYS A 25 -13.43 -14.21 16.91
CA LYS A 25 -14.75 -13.76 17.32
C LYS A 25 -15.70 -13.58 16.12
N ASN A 26 -15.37 -12.67 15.19
CA ASN A 26 -16.20 -12.31 14.04
C ASN A 26 -15.69 -12.87 12.71
N TYR A 27 -14.95 -13.99 12.75
CA TYR A 27 -14.31 -14.63 11.59
C TYR A 27 -15.21 -14.70 10.36
N GLN A 29 -18.11 -13.08 9.52
CA GLN A 29 -18.52 -11.80 8.95
C GLN A 29 -17.32 -11.10 8.29
N GLN A 30 -16.12 -11.30 8.85
CA GLN A 30 -14.92 -10.69 8.30
C GLN A 30 -14.56 -11.35 6.98
N GLN A 31 -14.68 -12.68 6.90
CA GLN A 31 -14.39 -13.40 5.66
C GLN A 31 -15.34 -12.96 4.55
N LYS A 32 -16.64 -12.76 4.90
CA LYS A 32 -17.70 -12.32 3.99
C LYS A 32 -17.31 -10.97 3.38
N GLU A 33 -16.69 -10.11 4.19
CA GLU A 33 -16.23 -8.81 3.75
C GLU A 33 -14.97 -8.92 2.89
N ILE A 34 -14.00 -9.75 3.30
CA ILE A 34 -12.77 -10.07 2.56
C ILE A 34 -13.13 -10.57 1.15
N ALA A 35 -14.17 -11.42 1.06
CA ALA A 35 -14.62 -12.01 -0.18
C ALA A 35 -14.97 -10.98 -1.25
N LYS A 36 -15.39 -9.78 -0.85
CA LYS A 36 -15.76 -8.70 -1.77
C LYS A 36 -14.58 -8.29 -2.68
N TYR A 37 -13.33 -8.46 -2.21
CA TYR A 37 -12.13 -8.14 -2.99
C TYR A 37 -11.89 -9.12 -4.14
N PHE A 38 -12.48 -10.33 -4.08
CA PHE A 38 -12.26 -11.42 -5.02
C PHE A 38 -13.33 -11.57 -6.11
N SER A 39 -12.91 -12.24 -7.19
CA SER A 39 -13.76 -12.70 -8.28
C SER A 39 -14.38 -13.99 -7.78
N ALA A 40 -15.51 -14.41 -8.36
CA ALA A 40 -16.17 -15.62 -7.90
C ALA A 40 -15.18 -16.81 -7.91
N ASP A 41 -14.43 -16.99 -9.02
CA ASP A 41 -13.47 -18.09 -9.14
C ASP A 41 -12.29 -17.89 -8.20
N GLY A 42 -11.86 -16.64 -8.05
CA GLY A 42 -10.77 -16.28 -7.15
C GLY A 42 -11.05 -16.65 -5.71
N TRP A 43 -12.30 -16.37 -5.26
CA TRP A 43 -12.73 -16.67 -3.90
C TRP A 43 -12.83 -18.17 -3.69
N ILE A 44 -13.44 -18.91 -4.64
CA ILE A 44 -13.63 -20.38 -4.59
C ILE A 44 -12.28 -21.07 -4.37
N ALA A 45 -11.21 -20.58 -5.03
CA ALA A 45 -9.87 -21.14 -4.92
C ALA A 45 -9.25 -20.79 -3.57
N TYR A 46 -9.32 -19.51 -3.18
CA TYR A 46 -8.73 -19.03 -1.95
C TYR A 46 -9.37 -19.72 -0.74
N SER A 47 -10.72 -19.69 -0.65
CA SER A 47 -11.47 -20.31 0.44
C SER A 47 -11.18 -21.82 0.52
N LYS A 48 -11.06 -22.51 -0.63
CA LYS A 48 -10.68 -23.93 -0.67
C LYS A 48 -9.32 -24.10 0.05
N ALA A 49 -8.30 -23.31 -0.35
CA ALA A 49 -6.96 -23.35 0.23
C ALA A 49 -6.96 -23.04 1.74
N LEU A 50 -7.66 -21.96 2.15
CA LEU A 50 -7.79 -21.50 3.53
C LEU A 50 -8.44 -22.58 4.44
N ASN A 51 -9.49 -23.25 3.98
CA ASN A 51 -10.20 -24.24 4.78
C ASN A 51 -9.41 -25.53 4.89
N GLN A 52 -8.70 -25.91 3.80
CA GLN A 52 -7.87 -27.10 3.74
C GLN A 52 -6.62 -26.94 4.60
N SER A 53 -6.09 -25.70 4.74
CA SER A 53 -4.91 -25.40 5.58
C SER A 53 -5.26 -25.57 7.06
N LYS A 54 -6.58 -25.58 7.34
CA LYS A 54 -7.24 -25.73 8.63
C LYS A 54 -6.92 -24.53 9.56
N LEU A 55 -6.46 -23.41 8.95
CA LEU A 55 -6.19 -22.15 9.64
C LEU A 55 -7.46 -21.69 10.42
N PRO A 56 -8.70 -21.78 9.87
CA PRO A 56 -9.89 -21.37 10.67
C PRO A 56 -10.02 -22.10 12.01
N GLU A 57 -9.66 -23.38 12.05
CA GLU A 57 -9.71 -24.24 13.25
C GLU A 57 -8.62 -23.82 14.27
N VAL A 58 -7.41 -23.46 13.76
CA VAL A 58 -6.28 -22.99 14.55
C VAL A 58 -6.67 -21.67 15.22
N VAL A 59 -7.24 -20.76 14.43
CA VAL A 59 -7.65 -19.43 14.88
C VAL A 59 -8.65 -19.58 16.01
N GLN A 60 -9.60 -20.55 15.91
CA GLN A 60 -10.62 -20.77 16.92
C GLN A 60 -10.02 -21.32 18.22
N LYS A 61 -9.26 -22.44 18.13
CA LYS A 61 -8.65 -23.14 19.28
C LYS A 61 -7.71 -22.22 20.07
N ASN A 62 -7.00 -21.34 19.37
CA ASN A 62 -6.04 -20.42 19.97
C ASN A 62 -6.60 -19.00 20.24
N ALA A 63 -7.88 -18.73 19.90
CA ALA A 63 -8.53 -17.44 20.12
C ALA A 63 -7.66 -16.29 19.55
N TYR A 64 -7.19 -16.49 18.33
CA TYR A 64 -6.27 -15.59 17.65
C TYR A 64 -6.90 -14.39 17.00
N PHE A 65 -6.10 -13.33 16.91
CA PHE A 65 -6.32 -12.07 16.20
C PHE A 65 -5.22 -12.03 15.19
N VAL A 66 -5.61 -12.15 13.92
CA VAL A 66 -4.67 -12.17 12.80
C VAL A 66 -4.56 -10.77 12.19
N ASN A 67 -3.30 -10.33 11.99
CA ASN A 67 -2.96 -9.04 11.37
C ASN A 67 -1.74 -9.22 10.49
N ALA A 68 -1.58 -8.37 9.47
CA ALA A 68 -0.44 -8.45 8.57
C ALA A 68 0.01 -7.08 8.11
N VAL A 69 1.27 -6.99 7.67
CA VAL A 69 1.89 -5.75 7.21
C VAL A 69 2.94 -6.09 6.15
N ALA A 70 3.07 -5.26 5.13
CA ALA A 70 4.06 -5.47 4.10
C ALA A 70 5.47 -5.33 4.67
N THR A 71 6.40 -6.18 4.26
CA THR A 71 7.80 -6.06 4.74
C THR A 71 8.61 -5.38 3.66
N GLU A 72 8.03 -5.25 2.46
CA GLU A 72 8.58 -4.57 1.28
C GLU A 72 7.44 -4.09 0.40
N PRO A 73 7.61 -3.00 -0.38
CA PRO A 73 6.51 -2.54 -1.26
C PRO A 73 6.19 -3.59 -2.32
N PRO A 74 4.94 -3.66 -2.86
CA PRO A 74 4.67 -4.69 -3.87
C PRO A 74 5.38 -4.41 -5.19
N LYS A 75 5.62 -5.48 -5.93
CA LYS A 75 6.17 -5.46 -7.27
C LYS A 75 4.98 -5.67 -8.18
N LEU A 76 4.81 -4.80 -9.19
CA LEU A 76 3.68 -4.95 -10.14
C LEU A 76 4.13 -5.29 -11.52
N ILE A 77 3.41 -6.22 -12.16
CA ILE A 77 3.62 -6.55 -13.54
C ILE A 77 2.26 -6.55 -14.23
N THR A 78 2.21 -6.11 -15.49
CA THR A 78 1.01 -6.07 -16.31
C THR A 78 1.00 -7.29 -17.20
N LEU A 79 -0.03 -8.11 -17.09
CA LEU A 79 -0.18 -9.33 -17.87
C LEU A 79 -0.97 -9.04 -19.15
N ASP A 80 -1.89 -8.06 -19.09
CA ASP A 80 -2.69 -7.60 -20.22
C ASP A 80 -3.32 -6.23 -19.83
N PRO A 81 -3.90 -5.43 -20.76
CA PRO A 81 -4.41 -4.10 -20.38
C PRO A 81 -5.32 -4.06 -19.14
N THR A 82 -5.99 -5.19 -18.80
CA THR A 82 -6.89 -5.26 -17.64
C THR A 82 -6.45 -6.30 -16.62
N HIS A 83 -5.26 -6.91 -16.76
CA HIS A 83 -4.83 -7.93 -15.81
C HIS A 83 -3.43 -7.67 -15.30
N TRP A 84 -3.29 -7.67 -13.96
CA TRP A 84 -2.04 -7.40 -13.29
C TRP A 84 -1.69 -8.48 -12.28
N GLN A 85 -0.42 -8.47 -11.88
CA GLN A 85 0.09 -9.35 -10.85
C GLN A 85 0.92 -8.53 -9.88
N ALA A 86 0.68 -8.71 -8.59
CA ALA A 86 1.45 -8.08 -7.53
C ALA A 86 2.17 -9.15 -6.69
N ILE A 87 3.46 -8.97 -6.47
CA ILE A 87 4.26 -9.85 -5.63
C ILE A 87 4.65 -9.00 -4.43
N PRO A 89 5.99 -9.29 -0.13
CA PRO A 89 6.23 -10.08 1.09
C PRO A 89 5.50 -9.44 2.28
N ILE A 90 4.87 -10.25 3.15
CA ILE A 90 4.16 -9.72 4.33
C ILE A 90 4.55 -10.45 5.60
N LEU A 91 4.33 -9.79 6.73
CA LEU A 91 4.51 -10.37 8.06
C LEU A 91 3.12 -10.56 8.65
N VAL A 92 2.75 -11.79 8.98
CA VAL A 92 1.47 -12.11 9.58
C VAL A 92 1.67 -12.45 11.07
N VAL A 93 0.88 -11.83 11.94
CA VAL A 93 0.93 -12.09 13.37
C VAL A 93 -0.40 -12.71 13.84
N TYR A 94 -0.30 -13.84 14.50
CA TYR A 94 -1.43 -14.56 15.11
C TYR A 94 -1.27 -14.35 16.59
N LYS A 95 -2.05 -13.43 17.14
CA LYS A 95 -1.84 -13.03 18.53
C LYS A 95 -3.05 -13.29 19.40
N ASN A 96 -2.78 -13.58 20.67
CA ASN A 96 -3.76 -13.71 21.73
C ASN A 96 -3.09 -13.10 22.99
N PRO A 97 -3.82 -12.91 24.13
CA PRO A 97 -3.19 -12.29 25.32
C PRO A 97 -2.07 -13.12 25.95
N GLN A 98 -2.08 -14.44 25.78
CA GLN A 98 -1.06 -15.30 26.38
C GLN A 98 0.19 -15.40 25.50
N TYR A 99 0.01 -15.55 24.16
CA TYR A 99 1.12 -15.75 23.24
C TYR A 99 0.79 -15.30 21.80
N GLU A 100 1.82 -15.38 20.95
CA GLU A 100 1.89 -14.94 19.57
C GLU A 100 2.52 -15.98 18.64
N GLN A 101 2.21 -15.86 17.35
CA GLN A 101 2.77 -16.69 16.28
C GLN A 101 3.03 -15.75 15.12
N LYS A 102 4.22 -15.80 14.57
CA LYS A 102 4.58 -14.89 13.48
C LYS A 102 4.94 -15.72 12.29
N GLN A 103 4.72 -15.15 11.10
CA GLN A 103 5.03 -15.83 9.86
C GLN A 103 5.28 -14.82 8.74
N ASN A 104 6.31 -15.07 7.93
CA ASN A 104 6.64 -14.27 6.74
C ASN A 104 6.21 -15.05 5.52
N LEU A 105 5.41 -14.40 4.66
CA LEU A 105 4.85 -15.00 3.43
C LEU A 105 5.14 -14.18 2.20
N LYS A 106 5.34 -14.86 1.07
CA LYS A 106 5.45 -14.20 -0.25
C LYS A 106 4.09 -14.34 -0.85
N VAL A 107 3.38 -13.24 -1.04
CA VAL A 107 2.04 -13.28 -1.62
C VAL A 107 2.11 -12.86 -3.10
N VAL A 108 1.58 -13.74 -3.97
CA VAL A 108 1.44 -13.51 -5.40
C VAL A 108 -0.04 -13.30 -5.65
N LEU A 109 -0.38 -12.05 -6.02
CA LEU A 109 -1.75 -11.63 -6.25
C LEU A 109 -2.03 -11.32 -7.72
N GLY A 110 -2.89 -12.14 -8.32
CA GLY A 110 -3.35 -11.96 -9.68
C GLY A 110 -4.65 -11.19 -9.58
N PHE A 111 -4.79 -10.08 -10.30
CA PHE A 111 -6.00 -9.29 -10.18
C PHE A 111 -6.36 -8.63 -11.50
N THR A 112 -7.62 -8.19 -11.59
CA THR A 112 -8.15 -7.62 -12.81
C THR A 112 -9.19 -6.53 -12.52
N VAL A 113 -9.72 -5.91 -13.60
CA VAL A 113 -10.83 -4.95 -13.52
C VAL A 113 -12.07 -5.78 -13.12
N ALA A 114 -12.74 -5.41 -12.02
CA ALA A 114 -13.88 -6.14 -11.50
C ALA A 114 -15.08 -6.16 -12.47
N SER A 115 -15.88 -7.22 -12.36
CA SER A 115 -17.07 -7.36 -13.14
C SER A 115 -18.22 -6.56 -12.46
N PRO A 116 -19.30 -6.16 -13.19
CA PRO A 116 -20.35 -5.34 -12.57
C PRO A 116 -20.83 -5.83 -11.20
N GLY A 117 -20.94 -4.90 -10.28
CA GLY A 117 -21.37 -5.16 -8.90
C GLY A 117 -20.41 -5.95 -8.04
N GLN A 118 -19.32 -6.42 -8.64
CA GLN A 118 -18.33 -7.22 -7.91
C GLN A 118 -17.03 -6.43 -7.68
N GLY A 119 -16.15 -7.01 -6.87
CA GLY A 119 -14.87 -6.42 -6.51
C GLY A 119 -14.98 -5.29 -5.51
N VAL A 120 -13.84 -4.66 -5.22
CA VAL A 120 -13.70 -3.52 -4.34
C VAL A 120 -13.00 -2.42 -5.12
N ARG A 121 -13.71 -1.30 -5.27
CA ARG A 121 -13.25 -0.07 -5.95
C ARG A 121 -12.83 -0.33 -7.41
N GLY A 122 -13.48 -1.30 -8.05
CA GLY A 122 -13.25 -1.59 -9.45
C GLY A 122 -12.26 -2.68 -9.75
N PHE A 123 -11.74 -3.38 -8.74
CA PHE A 123 -10.81 -4.49 -8.99
C PHE A 123 -11.21 -5.70 -8.22
N SER A 124 -10.85 -6.85 -8.78
CA SER A 124 -11.12 -8.18 -8.23
C SER A 124 -9.86 -9.02 -8.21
N VAL A 125 -9.67 -9.78 -7.14
CA VAL A 125 -8.57 -10.72 -6.99
C VAL A 125 -8.95 -11.93 -7.80
N THR A 126 -8.11 -12.35 -8.75
CA THR A 126 -8.38 -13.55 -9.56
C THR A 126 -7.66 -14.74 -8.94
N SER A 127 -6.55 -14.50 -8.21
CA SER A 127 -5.75 -15.52 -7.53
C SER A 127 -4.89 -14.88 -6.43
N LEU A 128 -4.76 -15.62 -5.34
CA LEU A 128 -3.94 -15.27 -4.21
C LEU A 128 -3.19 -16.52 -3.81
N GLN A 129 -1.88 -16.46 -3.93
CA GLN A 129 -1.01 -17.56 -3.58
C GLN A 129 0.02 -17.08 -2.60
N SER A 130 0.15 -17.77 -1.48
CA SER A 130 1.12 -17.38 -0.48
C SER A 130 1.99 -18.56 -0.12
N THR A 131 3.29 -18.33 -0.12
CA THR A 131 4.27 -19.35 0.23
C THR A 131 5.09 -18.79 1.40
N PRO A 132 5.41 -19.63 2.44
CA PRO A 132 6.21 -19.14 3.56
C PRO A 132 7.62 -18.82 3.11
N ILE A 133 8.17 -17.71 3.64
CA ILE A 133 9.52 -17.24 3.36
C ILE A 133 10.28 -16.94 4.65
N SER A 134 11.54 -16.62 4.46
CA SER A 134 12.45 -16.22 5.51
C SER A 134 12.13 -14.78 5.89
N PRO A 135 12.42 -14.36 7.14
CA PRO A 135 12.20 -12.95 7.49
C PRO A 135 13.20 -12.04 6.78
N PRO A 136 12.95 -10.71 6.66
CA PRO A 136 13.97 -9.86 6.01
C PRO A 136 15.05 -9.44 7.02
N CYS A 137 16.15 -8.82 6.56
CA CYS A 137 17.18 -8.34 7.50
C CYS A 137 17.21 -6.78 7.54
N GLN A 138 18.14 -6.17 8.35
CA GLN A 138 18.29 -4.71 8.55
C GLN A 138 19.62 -4.34 9.22
N CYS A 139 20.05 -3.06 9.08
CA CYS A 139 21.29 -2.51 9.68
C CYS A 139 21.20 -0.99 9.80
N GLY B 2 -20.78 15.43 0.08
CA GLY B 2 -19.40 15.31 0.53
C GLY B 2 -18.78 13.94 0.31
N PRO B 3 -17.42 13.81 0.37
CA PRO B 3 -16.78 12.50 0.15
C PRO B 3 -16.62 11.64 1.40
N ASP B 4 -16.93 10.41 1.20
CA ASP B 4 -16.82 9.16 1.93
C ASP B 4 -15.43 9.02 2.61
N ARG B 5 -15.37 8.59 3.89
CA ARG B 5 -14.11 8.35 4.61
C ARG B 5 -13.19 7.40 3.82
N ALA B 6 -13.76 6.32 3.23
CA ALA B 6 -12.97 5.37 2.45
C ALA B 6 -12.42 6.03 1.21
N GLN B 7 -13.21 6.92 0.58
CA GLN B 7 -12.76 7.60 -0.63
C GLN B 7 -11.54 8.47 -0.28
N LEU B 8 -11.63 9.19 0.87
CA LEU B 8 -10.57 10.06 1.38
C LEU B 8 -9.33 9.30 1.78
N ALA B 9 -9.52 8.21 2.49
CA ALA B 9 -8.39 7.43 2.97
C ALA B 9 -7.63 6.76 1.82
N VAL B 10 -8.37 6.25 0.81
CA VAL B 10 -7.77 5.56 -0.34
C VAL B 10 -6.94 6.55 -1.15
N TRP B 11 -7.48 7.76 -1.37
CA TRP B 11 -6.80 8.76 -2.15
C TRP B 11 -5.50 9.18 -1.49
N ALA B 12 -5.57 9.52 -0.21
CA ALA B 12 -4.41 9.95 0.57
C ALA B 12 -3.27 8.92 0.46
N ASN B 13 -3.61 7.62 0.56
CA ASN B 13 -2.63 6.54 0.43
C ASN B 13 -2.02 6.55 -0.99
N GLU B 14 -2.85 6.66 -2.01
CA GLU B 14 -2.43 6.69 -3.43
C GLU B 14 -1.46 7.87 -3.67
N ALA B 15 -1.83 9.06 -3.18
CA ALA B 15 -1.04 10.28 -3.30
C ALA B 15 0.35 10.11 -2.61
N ILE B 16 0.38 9.60 -1.37
CA ILE B 16 1.62 9.42 -0.61
C ILE B 16 2.51 8.41 -1.33
N ILE B 17 1.95 7.25 -1.74
CA ILE B 17 2.71 6.20 -2.41
C ILE B 17 3.24 6.70 -3.76
N ALA B 18 2.41 7.40 -4.58
CA ALA B 18 2.85 7.94 -5.88
C ALA B 18 4.08 8.83 -5.73
N THR B 19 4.10 9.66 -4.68
CA THR B 19 5.16 10.61 -4.35
C THR B 19 6.49 9.90 -4.06
N TYR B 20 6.43 8.73 -3.42
CA TYR B 20 7.62 7.98 -3.10
C TYR B 20 7.85 6.81 -4.09
N THR B 21 7.38 6.98 -5.33
CA THR B 21 7.58 6.00 -6.38
C THR B 21 8.25 6.70 -7.55
N PHE B 22 9.58 6.51 -7.65
CA PHE B 22 10.43 7.05 -8.69
C PHE B 22 11.77 6.32 -8.71
N ASP B 23 12.52 6.47 -9.81
CA ASP B 23 13.85 5.86 -10.02
C ASP B 23 14.83 6.92 -10.59
N TYR B 24 16.12 6.58 -10.66
CA TYR B 24 17.17 7.48 -11.15
C TYR B 24 17.07 7.72 -12.67
N LYS B 25 16.53 6.73 -13.41
CA LYS B 25 16.39 6.76 -14.87
C LYS B 25 15.39 7.83 -15.33
N ASN B 26 14.11 7.71 -14.89
CA ASN B 26 12.99 8.57 -15.31
C ASN B 26 12.58 9.59 -14.26
N TYR B 27 13.49 9.94 -13.32
CA TYR B 27 13.23 10.84 -12.20
C TYR B 27 12.41 12.09 -12.58
N GLN B 29 10.68 12.87 -15.47
CA GLN B 29 9.40 12.51 -16.11
C GLN B 29 8.37 12.09 -15.04
N GLN B 30 8.83 11.29 -14.04
CA GLN B 30 8.07 10.78 -12.90
C GLN B 30 7.62 11.91 -11.97
N GLN B 31 8.54 12.84 -11.63
CA GLN B 31 8.25 13.97 -10.74
C GLN B 31 7.17 14.89 -11.37
N LYS B 32 7.19 15.05 -12.71
CA LYS B 32 6.20 15.82 -13.45
C LYS B 32 4.81 15.19 -13.26
N GLU B 33 4.79 13.84 -13.23
CA GLU B 33 3.56 13.09 -13.06
C GLU B 33 3.07 13.17 -11.59
N ILE B 34 4.00 13.02 -10.62
CA ILE B 34 3.72 13.11 -9.18
C ILE B 34 3.07 14.48 -8.89
N ALA B 35 3.59 15.53 -9.54
CA ALA B 35 3.14 16.91 -9.39
C ALA B 35 1.64 17.08 -9.65
N LYS B 36 1.03 16.24 -10.49
CA LYS B 36 -0.39 16.31 -10.81
C LYS B 36 -1.29 16.11 -9.55
N TYR B 37 -0.80 15.36 -8.53
CA TYR B 37 -1.51 15.13 -7.28
C TYR B 37 -1.59 16.39 -6.40
N PHE B 38 -0.69 17.37 -6.63
CA PHE B 38 -0.53 18.55 -5.79
C PHE B 38 -1.21 19.82 -6.32
N SER B 39 -1.44 20.74 -5.37
CA SER B 39 -1.90 22.09 -5.63
C SER B 39 -0.63 22.86 -6.00
N ALA B 40 -0.79 24.00 -6.67
CA ALA B 40 0.38 24.78 -7.05
C ALA B 40 1.27 25.08 -5.85
N ASP B 41 0.69 25.58 -4.74
CA ASP B 41 1.43 25.88 -3.52
C ASP B 41 1.99 24.63 -2.87
N GLY B 42 1.20 23.56 -2.90
CA GLY B 42 1.59 22.27 -2.35
C GLY B 42 2.84 21.72 -3.01
N TRP B 43 2.90 21.81 -4.34
CA TRP B 43 4.04 21.34 -5.10
C TRP B 43 5.28 22.19 -4.84
N ILE B 44 5.14 23.53 -4.86
CA ILE B 44 6.23 24.50 -4.62
C ILE B 44 6.92 24.19 -3.28
N ALA B 45 6.14 23.83 -2.23
CA ALA B 45 6.64 23.52 -0.91
C ALA B 45 7.34 22.16 -0.91
N TYR B 46 6.67 21.13 -1.47
CA TYR B 46 7.19 19.79 -1.50
C TYR B 46 8.50 19.73 -2.28
N SER B 47 8.53 20.25 -3.52
CA SER B 47 9.72 20.26 -4.37
C SER B 47 10.88 20.99 -3.68
N LYS B 48 10.59 22.12 -2.99
CA LYS B 48 11.60 22.86 -2.22
C LYS B 48 12.23 21.90 -1.17
N ALA B 49 11.39 21.22 -0.38
CA ALA B 49 11.81 20.28 0.67
C ALA B 49 12.62 19.10 0.10
N LEU B 50 12.13 18.49 -0.99
CA LEU B 50 12.76 17.35 -1.68
C LEU B 50 14.17 17.70 -2.22
N ASN B 51 14.32 18.89 -2.83
CA ASN B 51 15.59 19.31 -3.40
C ASN B 51 16.58 19.69 -2.33
N GLN B 52 16.11 20.31 -1.24
CA GLN B 52 16.92 20.72 -0.09
C GLN B 52 17.40 19.52 0.72
N SER B 53 16.62 18.42 0.76
CA SER B 53 16.97 17.18 1.46
C SER B 53 18.14 16.48 0.73
N LYS B 54 18.34 16.89 -0.54
CA LYS B 54 19.34 16.45 -1.50
C LYS B 54 19.14 14.96 -1.87
N LEU B 55 17.91 14.43 -1.60
CA LEU B 55 17.50 13.08 -1.97
C LEU B 55 17.68 12.86 -3.50
N PRO B 56 17.34 13.82 -4.42
CA PRO B 56 17.57 13.58 -5.85
C PRO B 56 19.03 13.26 -6.20
N GLU B 57 20.00 13.88 -5.49
CA GLU B 57 21.44 13.69 -5.69
C GLU B 57 21.85 12.29 -5.19
N VAL B 58 21.27 11.85 -4.04
CA VAL B 58 21.50 10.54 -3.42
C VAL B 58 21.02 9.46 -4.40
N VAL B 59 19.80 9.65 -4.96
CA VAL B 59 19.10 8.80 -5.94
C VAL B 59 19.95 8.60 -7.21
N GLN B 60 20.69 9.65 -7.58
CA GLN B 60 21.54 9.60 -8.77
C GLN B 60 22.84 8.85 -8.49
N LYS B 61 23.60 9.28 -7.44
CA LYS B 61 24.89 8.71 -7.05
C LYS B 61 24.80 7.21 -6.76
N ASN B 62 23.68 6.77 -6.15
CA ASN B 62 23.46 5.38 -5.77
C ASN B 62 22.60 4.58 -6.76
N ALA B 63 22.18 5.22 -7.90
CA ALA B 63 21.32 4.64 -8.94
C ALA B 63 20.16 3.86 -8.29
N TYR B 64 19.44 4.56 -7.39
CA TYR B 64 18.36 4.02 -6.60
C TYR B 64 17.01 4.00 -7.29
N PHE B 65 16.16 3.11 -6.73
CA PHE B 65 14.76 2.85 -7.04
C PHE B 65 14.03 3.02 -5.74
N VAL B 66 13.22 4.08 -5.69
CA VAL B 66 12.46 4.46 -4.51
C VAL B 66 11.04 3.92 -4.67
N ASN B 67 10.64 3.13 -3.68
CA ASN B 67 9.31 2.56 -3.61
C ASN B 67 8.84 2.66 -2.18
N ALA B 68 7.51 2.69 -1.98
CA ALA B 68 6.94 2.79 -0.63
C ALA B 68 5.64 2.02 -0.52
N VAL B 69 5.27 1.69 0.74
CA VAL B 69 4.04 0.95 1.07
C VAL B 69 3.58 1.39 2.46
N ALA B 70 2.26 1.48 2.69
CA ALA B 70 1.73 1.83 3.98
C ALA B 70 2.00 0.74 4.97
N THR B 71 2.40 1.08 6.21
CA THR B 71 2.63 0.05 7.22
C THR B 71 1.40 -0.01 8.13
N GLU B 72 0.51 0.97 7.99
CA GLU B 72 -0.74 1.10 8.72
C GLU B 72 -1.71 1.91 7.87
N PRO B 73 -3.06 1.69 8.03
CA PRO B 73 -4.03 2.55 7.30
C PRO B 73 -3.90 4.01 7.76
N PRO B 74 -4.23 5.00 6.92
CA PRO B 74 -4.09 6.39 7.36
C PRO B 74 -5.12 6.79 8.40
N LYS B 75 -4.77 7.79 9.20
CA LYS B 75 -5.61 8.43 10.19
C LYS B 75 -6.09 9.72 9.54
N LEU B 76 -7.39 9.96 9.54
CA LEU B 76 -7.93 11.18 8.93
C LEU B 76 -8.55 12.13 9.93
N ILE B 77 -8.33 13.43 9.71
CA ILE B 77 -8.98 14.49 10.47
C ILE B 77 -9.52 15.48 9.45
N THR B 78 -10.69 16.04 9.72
CA THR B 78 -11.35 17.03 8.88
C THR B 78 -11.02 18.41 9.41
N LEU B 79 -10.40 19.24 8.58
CA LEU B 79 -10.03 20.60 8.95
C LEU B 79 -11.14 21.57 8.57
N ASP B 80 -11.86 21.26 7.49
CA ASP B 80 -13.04 22.02 7.06
C ASP B 80 -13.83 21.12 6.02
N PRO B 81 -15.09 21.47 5.64
CA PRO B 81 -15.87 20.55 4.77
C PRO B 81 -15.16 20.03 3.52
N THR B 82 -14.16 20.76 3.02
CA THR B 82 -13.40 20.36 1.83
C THR B 82 -11.90 20.19 2.13
N HIS B 83 -11.47 20.23 3.39
CA HIS B 83 -10.04 20.10 3.69
C HIS B 83 -9.78 19.05 4.77
N TRP B 84 -8.88 18.14 4.47
CA TRP B 84 -8.53 17.04 5.35
C TRP B 84 -7.05 16.92 5.57
N GLN B 85 -6.70 16.18 6.62
CA GLN B 85 -5.33 15.85 6.94
C GLN B 85 -5.25 14.36 7.19
N ALA B 86 -4.30 13.70 6.56
CA ALA B 86 -4.03 12.27 6.71
C ALA B 86 -2.67 12.06 7.33
N ILE B 87 -2.60 11.22 8.36
CA ILE B 87 -1.34 10.84 9.01
C ILE B 87 -1.19 9.36 8.69
N PRO B 89 1.81 6.03 8.35
CA PRO B 89 3.22 5.58 8.37
C PRO B 89 3.50 4.75 7.11
N ILE B 90 4.66 4.96 6.48
CA ILE B 90 5.04 4.22 5.28
C ILE B 90 6.43 3.63 5.41
N LEU B 91 6.70 2.58 4.63
CA LEU B 91 8.02 1.98 4.52
C LEU B 91 8.57 2.36 3.15
N VAL B 92 9.71 3.07 3.13
CA VAL B 92 10.37 3.50 1.90
C VAL B 92 11.61 2.66 1.68
N VAL B 93 11.77 2.17 0.47
CA VAL B 93 12.94 1.37 0.13
C VAL B 93 13.72 2.05 -1.01
N TYR B 94 15.01 2.25 -0.77
CA TYR B 94 15.95 2.82 -1.72
C TYR B 94 16.81 1.64 -2.16
N LYS B 95 16.49 1.10 -3.32
CA LYS B 95 17.11 -0.13 -3.77
C LYS B 95 17.90 0.04 -5.07
N ASN B 96 18.97 -0.72 -5.17
CA ASN B 96 19.81 -0.89 -6.35
C ASN B 96 20.22 -2.39 -6.36
N PRO B 97 20.93 -2.93 -7.39
CA PRO B 97 21.25 -4.38 -7.37
C PRO B 97 22.19 -4.80 -6.23
N GLN B 98 23.03 -3.90 -5.71
CA GLN B 98 24.00 -4.21 -4.65
C GLN B 98 23.39 -4.04 -3.24
N TYR B 99 22.92 -2.81 -2.94
CA TYR B 99 22.42 -2.33 -1.65
C TYR B 99 20.89 -2.12 -1.60
N GLU B 100 20.37 -2.00 -0.38
CA GLU B 100 18.98 -1.70 -0.07
C GLU B 100 18.92 -0.87 1.21
N GLN B 101 18.17 0.24 1.19
CA GLN B 101 17.97 1.08 2.37
C GLN B 101 16.49 1.03 2.75
N LYS B 102 16.18 0.69 4.01
CA LYS B 102 14.81 0.62 4.49
C LYS B 102 14.55 1.73 5.52
N GLN B 103 13.56 2.59 5.26
CA GLN B 103 13.25 3.68 6.19
C GLN B 103 11.75 3.76 6.44
N ASN B 104 11.37 3.97 7.72
CA ASN B 104 9.99 4.16 8.14
C ASN B 104 9.76 5.65 8.41
N LEU B 105 8.73 6.20 7.76
CA LEU B 105 8.39 7.62 7.84
C LEU B 105 6.96 7.83 8.26
N LYS B 106 6.71 8.91 9.02
CA LYS B 106 5.38 9.34 9.37
C LYS B 106 5.06 10.44 8.37
N VAL B 107 4.11 10.20 7.49
CA VAL B 107 3.74 11.21 6.49
C VAL B 107 2.45 11.92 6.93
N VAL B 108 2.52 13.26 6.98
CA VAL B 108 1.40 14.14 7.30
C VAL B 108 1.00 14.81 5.99
N LEU B 109 -0.18 14.43 5.49
CA LEU B 109 -0.70 14.92 4.21
C LEU B 109 -1.94 15.80 4.38
N GLY B 110 -1.79 17.06 4.00
CA GLY B 110 -2.87 18.03 3.99
C GLY B 110 -3.44 18.00 2.58
N PHE B 111 -4.75 17.86 2.44
CA PHE B 111 -5.32 17.76 1.09
C PHE B 111 -6.73 18.32 1.01
N THR B 112 -7.16 18.62 -0.22
CA THR B 112 -8.47 19.23 -0.43
C THR B 112 -9.15 18.70 -1.71
N VAL B 113 -10.40 19.14 -1.95
CA VAL B 113 -11.15 18.87 -3.19
C VAL B 113 -10.45 19.68 -4.27
N ALA B 114 -10.03 19.05 -5.35
CA ALA B 114 -9.30 19.72 -6.43
C ALA B 114 -10.15 20.78 -7.12
N SER B 115 -9.52 21.84 -7.60
CA SER B 115 -10.26 22.88 -8.31
C SER B 115 -10.45 22.40 -9.77
N PRO B 116 -11.47 22.91 -10.53
CA PRO B 116 -11.70 22.42 -11.90
C PRO B 116 -10.43 22.25 -12.75
N GLY B 117 -10.34 21.07 -13.36
CA GLY B 117 -9.24 20.70 -14.23
C GLY B 117 -7.90 20.48 -13.56
N GLN B 118 -7.78 20.64 -12.22
CA GLN B 118 -6.52 20.38 -11.54
C GLN B 118 -6.68 19.10 -10.64
N GLY B 119 -5.58 18.66 -10.00
CA GLY B 119 -5.56 17.50 -9.11
C GLY B 119 -5.82 16.15 -9.77
N VAL B 120 -5.68 15.05 -8.99
CA VAL B 120 -5.87 13.66 -9.46
C VAL B 120 -7.10 13.06 -8.79
N ARG B 121 -8.01 12.48 -9.59
CA ARG B 121 -9.23 11.81 -9.13
C ARG B 121 -10.08 12.67 -8.16
N GLY B 122 -10.04 14.00 -8.34
CA GLY B 122 -10.82 14.98 -7.58
C GLY B 122 -10.18 15.61 -6.36
N PHE B 123 -8.91 15.29 -6.09
CA PHE B 123 -8.22 15.85 -4.92
C PHE B 123 -6.87 16.38 -5.27
N SER B 124 -6.39 17.34 -4.45
CA SER B 124 -5.07 17.97 -4.56
C SER B 124 -4.39 17.97 -3.20
N VAL B 125 -3.07 17.69 -3.19
CA VAL B 125 -2.24 17.73 -1.98
C VAL B 125 -1.92 19.18 -1.71
N THR B 126 -2.22 19.67 -0.49
CA THR B 126 -1.91 21.06 -0.14
C THR B 126 -0.59 21.12 0.62
N SER B 127 -0.20 20.01 1.28
CA SER B 127 1.06 19.85 2.03
C SER B 127 1.40 18.40 2.26
N LEU B 128 2.68 18.10 2.23
CA LEU B 128 3.24 16.77 2.50
C LEU B 128 4.46 16.95 3.37
N GLN B 129 4.42 16.41 4.57
CA GLN B 129 5.53 16.47 5.50
C GLN B 129 5.85 15.08 6.00
N SER B 130 7.12 14.70 6.00
CA SER B 130 7.51 13.37 6.46
C SER B 130 8.63 13.43 7.46
N THR B 131 8.48 12.72 8.55
CA THR B 131 9.49 12.66 9.60
C THR B 131 9.86 11.18 9.82
N PRO B 132 11.16 10.83 10.03
CA PRO B 132 11.52 9.42 10.28
C PRO B 132 10.93 8.93 11.59
N ILE B 133 10.27 7.78 11.53
CA ILE B 133 9.63 7.19 12.70
C ILE B 133 10.49 6.00 13.13
N SER B 134 11.62 5.80 12.43
CA SER B 134 12.65 4.76 12.64
C SER B 134 13.94 5.14 11.88
N PRO B 135 15.14 4.79 12.44
CA PRO B 135 16.40 5.09 11.73
C PRO B 135 16.58 4.19 10.51
N PRO B 136 17.30 4.62 9.45
CA PRO B 136 17.46 3.77 8.24
C PRO B 136 18.24 2.47 8.47
N CYS B 137 17.89 1.42 7.70
CA CYS B 137 18.48 0.07 7.70
C CYS B 137 19.29 -0.16 6.43
N GLN B 138 20.10 -1.21 6.45
CA GLN B 138 20.90 -1.66 5.30
C GLN B 138 20.76 -3.18 5.12
N CYS B 139 20.65 -3.62 3.84
CA CYS B 139 20.51 -5.03 3.42
C CYS B 139 21.58 -5.33 2.34
N LYS B 140 22.20 -6.53 2.38
CA LYS B 140 23.22 -6.96 1.41
C LYS B 140 22.58 -7.63 0.19
#